data_4NJS
#
_entry.id   4NJS
#
_cell.length_a   44.632
_cell.length_b   57.995
_cell.length_c   88.111
_cell.angle_alpha   90.00
_cell.angle_beta   90.03
_cell.angle_gamma   90.00
#
_symmetry.space_group_name_H-M   'P 1 21 1'
#
loop_
_entity.id
_entity.type
_entity.pdbx_description
1 polymer Protease
2 non-polymer '(3R,3aS,6aR)-hexahydrofuro[2,3-b]furan-3-yl [(2S,3R)-4-{[(4-carbamoylphenyl)sulfonyl](2-methylpropyl)amino}-3-hydroxy-1-phenylbutan-2-yl]carbamate'
3 water water
#
_entity_poly.entity_id   1
_entity_poly.type   'polypeptide(L)'
_entity_poly.pdbx_seq_one_letter_code
;PQITLWQRPIVTIKVGGQLKEALLDTGADDTVLEDMELPGRWKPRMIGGIGGFVKVRQYDQIPIEICGHKVIGTVLVGPT
PTNIIGRNLMTQLGCTLNF
;
_entity_poly.pdbx_strand_id   A,B,C,D
#
# COMPACT_ATOMS: atom_id res chain seq x y z
N PRO A 1 -3.19 -0.11 1.20
CA PRO A 1 -3.06 0.74 2.39
C PRO A 1 -2.93 -0.04 3.68
N GLN A 2 -3.10 0.67 4.79
CA GLN A 2 -3.25 0.04 6.10
C GLN A 2 -4.66 0.34 6.62
N ILE A 3 -5.44 -0.70 6.84
CA ILE A 3 -6.84 -0.54 7.22
C ILE A 3 -7.03 -0.92 8.69
N THR A 4 -7.51 0.01 9.51
CA THR A 4 -7.68 -0.33 10.91
C THR A 4 -9.00 -1.06 11.08
N LEU A 5 -9.20 -1.60 12.27
CA LEU A 5 -10.40 -2.38 12.54
C LEU A 5 -11.30 -1.71 13.57
N TRP A 6 -11.09 -0.42 13.81
CA TRP A 6 -12.03 0.30 14.68
C TRP A 6 -13.43 0.25 14.10
N GLN A 7 -13.50 0.29 12.77
CA GLN A 7 -14.76 0.19 12.03
C GLN A 7 -14.70 -1.03 11.11
N ARG A 8 -15.85 -1.43 10.57
CA ARG A 8 -15.90 -2.52 9.60
C ARG A 8 -15.01 -2.15 8.42
N PRO A 9 -14.14 -3.08 8.00
CA PRO A 9 -13.24 -2.80 6.87
C PRO A 9 -13.97 -3.00 5.54
N ILE A 10 -14.74 -1.99 5.16
CA ILE A 10 -15.59 -2.04 3.97
C ILE A 10 -14.90 -1.32 2.82
N VAL A 11 -14.94 -1.94 1.64
CA VAL A 11 -14.31 -1.37 0.46
C VAL A 11 -15.28 -1.41 -0.71
N THR A 12 -15.00 -0.60 -1.73
CA THR A 12 -15.83 -0.60 -2.94
C THR A 12 -15.30 -1.62 -3.94
N ILE A 13 -16.18 -2.46 -4.47
CA ILE A 13 -15.77 -3.42 -5.49
C ILE A 13 -16.58 -3.24 -6.75
N LYS A 14 -16.01 -3.72 -7.86
CA LYS A 14 -16.75 -3.79 -9.12
C LYS A 14 -16.77 -5.23 -9.60
N VAL A 15 -17.97 -5.76 -9.81
CA VAL A 15 -18.14 -7.15 -10.19
C VAL A 15 -19.40 -7.31 -11.05
N GLY A 16 -19.31 -8.08 -12.12
CA GLY A 16 -20.44 -8.25 -13.03
C GLY A 16 -20.98 -6.93 -13.55
N GLY A 17 -20.11 -5.94 -13.67
CA GLY A 17 -20.50 -4.63 -14.17
C GLY A 17 -21.21 -3.78 -13.14
N GLN A 18 -21.20 -4.24 -11.89
CA GLN A 18 -21.94 -3.56 -10.82
C GLN A 18 -21.00 -3.05 -9.72
N LEU A 19 -21.26 -1.85 -9.23
CA LEU A 19 -20.49 -1.28 -8.13
C LEU A 19 -21.20 -1.52 -6.80
N LYS A 20 -20.45 -1.97 -5.80
CA LYS A 20 -21.05 -2.19 -4.49
C LYS A 20 -20.02 -2.17 -3.37
N GLU A 21 -20.51 -2.17 -2.13
CA GLU A 21 -19.63 -2.18 -0.97
C GLU A 21 -19.52 -3.60 -0.45
N ALA A 22 -18.34 -3.98 0.01
CA ALA A 22 -18.15 -5.33 0.53
C ALA A 22 -17.17 -5.31 1.69
N LEU A 23 -17.29 -6.33 2.54
CA LEU A 23 -16.53 -6.40 3.79
C LEU A 23 -15.30 -7.28 3.59
N LEU A 24 -14.11 -6.76 3.92
CA LEU A 24 -12.89 -7.56 3.90
C LEU A 24 -12.90 -8.50 5.10
N ASP A 25 -12.99 -9.80 4.83
CA ASP A 25 -13.35 -10.75 5.88
C ASP A 25 -12.37 -11.91 5.96
N THR A 26 -11.45 -11.84 6.92
CA THR A 26 -10.46 -12.90 7.11
C THR A 26 -11.09 -14.20 7.60
N GLY A 27 -12.33 -14.12 8.07
CA GLY A 27 -13.03 -15.28 8.61
C GLY A 27 -13.80 -16.04 7.55
N ALA A 28 -13.72 -15.55 6.30
CA ALA A 28 -14.43 -16.15 5.19
C ALA A 28 -13.47 -16.85 4.23
N ASP A 29 -13.65 -18.16 4.00
CA ASP A 29 -12.76 -18.86 3.07
C ASP A 29 -12.92 -18.29 1.66
N ASP A 30 -14.17 -18.11 1.26
CA ASP A 30 -14.48 -17.63 -0.08
C ASP A 30 -15.33 -16.37 -0.05
N THR A 31 -15.36 -15.67 -1.18
CA THR A 31 -16.14 -14.46 -1.35
C THR A 31 -17.61 -14.85 -1.54
N VAL A 32 -18.50 -14.11 -0.87
CA VAL A 32 -19.93 -14.40 -0.92
C VAL A 32 -20.67 -13.11 -1.21
N LEU A 33 -21.40 -13.05 -2.32
CA LEU A 33 -22.06 -11.81 -2.68
C LEU A 33 -23.58 -11.94 -2.60
N GLU A 34 -24.26 -10.87 -2.22
CA GLU A 34 -25.71 -10.83 -2.23
C GLU A 34 -26.22 -11.16 -3.63
N ASP A 35 -27.41 -11.75 -3.72
CA ASP A 35 -27.98 -12.14 -5.00
C ASP A 35 -27.78 -11.11 -6.10
N MET A 36 -27.18 -11.55 -7.20
CA MET A 36 -26.96 -10.70 -8.36
C MET A 36 -26.75 -11.60 -9.57
N GLU A 37 -26.82 -11.02 -10.75
CA GLU A 37 -26.61 -11.77 -11.99
C GLU A 37 -25.14 -11.91 -12.28
N LEU A 38 -24.70 -13.13 -12.58
CA LEU A 38 -23.36 -13.39 -13.11
C LEU A 38 -23.46 -14.35 -14.28
N PRO A 39 -22.55 -14.21 -15.27
CA PRO A 39 -22.53 -15.07 -16.45
C PRO A 39 -21.86 -16.41 -16.19
N GLY A 40 -22.25 -17.45 -16.93
CA GLY A 40 -21.53 -18.70 -16.89
C GLY A 40 -22.23 -19.81 -16.12
N ARG A 41 -21.56 -20.95 -16.02
CA ARG A 41 -22.10 -22.08 -15.30
C ARG A 41 -21.80 -21.97 -13.82
N TRP A 42 -22.62 -22.63 -13.00
CA TRP A 42 -22.44 -22.58 -11.56
C TRP A 42 -22.83 -23.90 -10.93
N LYS A 43 -22.43 -24.10 -9.68
CA LYS A 43 -22.71 -25.33 -8.96
C LYS A 43 -23.33 -25.00 -7.62
N PRO A 44 -24.32 -25.78 -7.18
CA PRO A 44 -25.01 -25.52 -5.92
C PRO A 44 -24.18 -25.92 -4.70
N ARG A 45 -24.09 -25.04 -3.71
CA ARG A 45 -23.45 -25.38 -2.44
C ARG A 45 -24.29 -24.92 -1.27
N MET A 46 -23.98 -25.46 -0.09
CA MET A 46 -24.56 -25.04 1.17
C MET A 46 -23.41 -24.60 2.05
N ILE A 47 -23.42 -23.32 2.48
CA ILE A 47 -22.35 -22.82 3.34
C ILE A 47 -22.88 -22.43 4.73
N GLY A 48 -22.12 -22.77 5.75
CA GLY A 48 -22.61 -22.62 7.11
C GLY A 48 -21.96 -21.52 7.89
N GLY A 49 -22.74 -20.88 8.76
CA GLY A 49 -22.22 -19.80 9.55
C GLY A 49 -23.08 -19.68 10.79
N ILE A 50 -22.98 -18.53 11.45
CA ILE A 50 -23.68 -18.38 12.71
C ILE A 50 -25.19 -18.64 12.69
N GLY A 51 -25.92 -18.17 11.70
CA GLY A 51 -27.35 -18.47 11.72
C GLY A 51 -27.75 -19.82 11.12
N GLY A 52 -26.78 -20.66 10.81
CA GLY A 52 -27.07 -21.87 10.06
C GLY A 52 -26.58 -21.76 8.64
N PHE A 53 -27.22 -22.49 7.72
CA PHE A 53 -26.73 -22.60 6.34
C PHE A 53 -27.53 -21.77 5.33
N VAL A 54 -26.85 -21.30 4.30
CA VAL A 54 -27.50 -20.64 3.18
C VAL A 54 -27.12 -21.35 1.88
N LYS A 55 -28.09 -21.44 0.98
CA LYS A 55 -27.86 -22.05 -0.32
C LYS A 55 -27.23 -21.03 -1.27
N VAL A 56 -26.11 -21.39 -1.89
CA VAL A 56 -25.44 -20.48 -2.81
C VAL A 56 -25.11 -21.12 -4.16
N ARG A 57 -24.89 -20.26 -5.16
CA ARG A 57 -24.38 -20.70 -6.43
C ARG A 57 -22.91 -20.37 -6.49
N GLN A 58 -22.08 -21.35 -6.84
CA GLN A 58 -20.64 -21.14 -6.96
C GLN A 58 -20.21 -20.83 -8.40
N TYR A 59 -19.66 -19.64 -8.61
CA TYR A 59 -19.13 -19.25 -9.91
C TYR A 59 -17.61 -19.23 -9.84
N ASP A 60 -16.96 -19.74 -10.88
CA ASP A 60 -15.51 -19.80 -10.89
C ASP A 60 -14.90 -18.74 -11.80
N GLN A 61 -13.67 -18.35 -11.48
CA GLN A 61 -12.92 -17.41 -12.31
C GLN A 61 -13.66 -16.10 -12.60
N ILE A 62 -14.26 -15.52 -11.56
CA ILE A 62 -14.95 -14.24 -11.71
C ILE A 62 -13.98 -13.10 -11.41
N PRO A 63 -13.83 -12.16 -12.35
CA PRO A 63 -12.97 -11.00 -12.09
C PRO A 63 -13.70 -10.00 -11.18
N ILE A 64 -12.99 -9.51 -10.18
CA ILE A 64 -13.51 -8.45 -9.33
C ILE A 64 -12.43 -7.39 -9.21
N GLU A 65 -12.81 -6.12 -9.30
CA GLU A 65 -11.87 -5.05 -9.02
C GLU A 65 -12.09 -4.57 -7.60
N ILE A 66 -11.03 -4.59 -6.79
CA ILE A 66 -11.10 -4.19 -5.40
C ILE A 66 -10.02 -3.16 -5.16
N CYS A 67 -10.42 -1.96 -4.72
CA CYS A 67 -9.50 -0.86 -4.49
C CYS A 67 -8.52 -0.65 -5.62
N GLY A 68 -9.03 -0.63 -6.85
CA GLY A 68 -8.20 -0.39 -8.02
C GLY A 68 -7.29 -1.55 -8.38
N HIS A 69 -7.63 -2.75 -7.90
CA HIS A 69 -6.87 -3.94 -8.25
C HIS A 69 -7.76 -5.02 -8.84
N LYS A 70 -7.39 -5.53 -10.02
CA LYS A 70 -8.16 -6.59 -10.66
C LYS A 70 -7.66 -7.94 -10.15
N VAL A 71 -8.55 -8.68 -9.51
CA VAL A 71 -8.23 -10.03 -9.06
C VAL A 71 -9.27 -10.97 -9.66
N ILE A 72 -9.03 -12.27 -9.55
CA ILE A 72 -9.99 -13.23 -10.08
C ILE A 72 -10.11 -14.42 -9.15
N GLY A 73 -11.30 -14.99 -9.04
CA GLY A 73 -11.45 -16.14 -8.17
C GLY A 73 -12.88 -16.63 -8.05
N THR A 74 -13.07 -17.59 -7.16
CA THR A 74 -14.38 -18.15 -6.88
C THR A 74 -15.28 -17.14 -6.18
N VAL A 75 -16.51 -17.02 -6.65
CA VAL A 75 -17.51 -16.18 -5.99
C VAL A 75 -18.73 -17.03 -5.69
N LEU A 76 -19.22 -16.95 -4.46
CA LEU A 76 -20.46 -17.63 -4.09
C LEU A 76 -21.58 -16.60 -4.05
N VAL A 77 -22.72 -16.89 -4.69
CA VAL A 77 -23.81 -15.93 -4.76
C VAL A 77 -25.06 -16.50 -4.08
N GLY A 78 -25.67 -15.71 -3.20
CA GLY A 78 -26.85 -16.17 -2.49
C GLY A 78 -27.38 -15.15 -1.50
N PRO A 79 -28.38 -15.55 -0.72
CA PRO A 79 -29.03 -14.60 0.20
C PRO A 79 -28.23 -14.29 1.46
N THR A 80 -26.97 -13.89 1.32
CA THR A 80 -26.18 -13.36 2.43
C THR A 80 -26.70 -11.95 2.77
N PRO A 81 -26.69 -11.58 4.06
CA PRO A 81 -27.14 -10.23 4.46
C PRO A 81 -26.14 -9.16 4.08
N THR A 82 -24.92 -9.54 3.71
CA THR A 82 -23.91 -8.55 3.33
C THR A 82 -22.88 -9.14 2.37
N ASN A 83 -22.32 -8.30 1.49
CA ASN A 83 -21.25 -8.74 0.59
C ASN A 83 -19.95 -8.95 1.38
N ILE A 84 -19.33 -10.09 1.19
CA ILE A 84 -18.16 -10.51 1.94
C ILE A 84 -17.02 -10.82 0.97
N ILE A 85 -15.86 -10.19 1.15
CA ILE A 85 -14.69 -10.56 0.37
C ILE A 85 -13.87 -11.53 1.19
N GLY A 86 -13.70 -12.75 0.70
CA GLY A 86 -13.04 -13.78 1.49
C GLY A 86 -11.55 -13.92 1.22
N ARG A 87 -10.93 -14.89 1.88
CA ARG A 87 -9.49 -15.05 1.78
C ARG A 87 -9.06 -15.36 0.36
N ASN A 88 -9.91 -16.06 -0.38
CA ASN A 88 -9.53 -16.49 -1.73
C ASN A 88 -9.22 -15.31 -2.63
N LEU A 89 -9.84 -14.15 -2.37
CA LEU A 89 -9.53 -12.94 -3.13
C LEU A 89 -8.52 -12.03 -2.41
N MET A 90 -8.60 -11.97 -1.08
CA MET A 90 -7.67 -11.12 -0.33
C MET A 90 -6.20 -11.53 -0.54
N THR A 91 -5.94 -12.82 -0.74
CA THR A 91 -4.56 -13.27 -1.01
C THR A 91 -4.04 -12.67 -2.30
N GLN A 92 -4.94 -12.51 -3.27
CA GLN A 92 -4.57 -11.98 -4.59
C GLN A 92 -4.20 -10.51 -4.52
N LEU A 93 -4.63 -9.83 -3.45
CA LEU A 93 -4.30 -8.42 -3.21
C LEU A 93 -2.98 -8.29 -2.47
N GLY A 94 -2.50 -9.40 -1.93
CA GLY A 94 -1.33 -9.38 -1.08
C GLY A 94 -1.70 -8.88 0.29
N CYS A 95 -2.96 -9.09 0.67
CA CYS A 95 -3.45 -8.60 1.95
C CYS A 95 -3.02 -9.50 3.11
N THR A 96 -2.48 -8.89 4.17
CA THR A 96 -2.13 -9.66 5.36
C THR A 96 -2.76 -9.04 6.61
N LEU A 97 -2.82 -9.83 7.67
CA LEU A 97 -3.18 -9.34 8.99
C LEU A 97 -1.87 -9.03 9.73
N ASN A 98 -1.79 -7.85 10.34
CA ASN A 98 -0.57 -7.47 11.05
C ASN A 98 -0.82 -6.91 12.43
N PHE A 99 -0.02 -7.32 13.40
CA PHE A 99 -0.09 -6.71 14.74
C PHE A 99 1.26 -6.81 15.44
N PRO B 1 3.83 -9.72 14.44
CA PRO B 1 3.55 -10.86 13.56
C PRO B 1 2.83 -10.42 12.29
N GLN B 2 3.09 -11.12 11.21
CA GLN B 2 2.33 -10.90 9.99
C GLN B 2 1.71 -12.23 9.59
N ILE B 3 0.40 -12.22 9.33
CA ILE B 3 -0.31 -13.46 9.02
C ILE B 3 -0.85 -13.36 7.61
N THR B 4 -0.43 -14.27 6.74
CA THR B 4 -0.93 -14.29 5.38
C THR B 4 -2.25 -15.04 5.39
N LEU B 5 -2.98 -15.01 4.28
CA LEU B 5 -4.34 -15.54 4.29
C LEU B 5 -4.53 -16.74 3.36
N TRP B 6 -3.43 -17.39 2.99
CA TRP B 6 -3.51 -18.58 2.16
C TRP B 6 -4.16 -19.74 2.93
N GLN B 7 -4.07 -19.69 4.26
CA GLN B 7 -4.75 -20.62 5.13
C GLN B 7 -5.58 -19.83 6.15
N ARG B 8 -6.48 -20.50 6.84
CA ARG B 8 -7.30 -19.87 7.87
C ARG B 8 -6.41 -19.31 8.98
N PRO B 9 -6.65 -18.05 9.40
CA PRO B 9 -5.82 -17.44 10.45
C PRO B 9 -6.29 -17.89 11.83
N ILE B 10 -5.94 -19.12 12.18
CA ILE B 10 -6.36 -19.68 13.46
C ILE B 10 -5.27 -19.48 14.51
N VAL B 11 -5.68 -19.15 15.74
CA VAL B 11 -4.75 -19.01 16.88
C VAL B 11 -5.29 -19.72 18.12
N THR B 12 -4.41 -20.04 19.06
CA THR B 12 -4.85 -20.63 20.31
C THR B 12 -5.09 -19.51 21.30
N ILE B 13 -6.25 -19.49 21.93
CA ILE B 13 -6.54 -18.50 22.95
C ILE B 13 -6.69 -19.19 24.30
N LYS B 14 -6.43 -18.46 25.37
CA LYS B 14 -6.75 -18.98 26.69
C LYS B 14 -7.83 -18.11 27.30
N VAL B 15 -8.96 -18.75 27.63
CA VAL B 15 -10.12 -18.03 28.14
C VAL B 15 -10.86 -18.90 29.16
N GLY B 16 -11.27 -18.30 30.27
CA GLY B 16 -11.98 -19.03 31.30
C GLY B 16 -11.22 -20.25 31.78
N GLY B 17 -9.89 -20.16 31.78
CA GLY B 17 -9.04 -21.26 32.21
C GLY B 17 -8.83 -22.36 31.19
N GLN B 18 -9.40 -22.20 30.00
CA GLN B 18 -9.31 -23.24 28.98
C GLN B 18 -8.54 -22.77 27.75
N LEU B 19 -7.94 -23.72 27.03
CA LEU B 19 -7.31 -23.42 25.75
C LEU B 19 -8.26 -23.77 24.62
N LYS B 20 -8.42 -22.86 23.67
CA LYS B 20 -9.31 -23.09 22.54
C LYS B 20 -8.69 -22.58 21.25
N GLU B 21 -9.08 -23.19 20.14
CA GLU B 21 -8.66 -22.70 18.82
C GLU B 21 -9.71 -21.69 18.37
N ALA B 22 -9.26 -20.56 17.82
CA ALA B 22 -10.19 -19.53 17.36
C ALA B 22 -9.70 -18.87 16.10
N LEU B 23 -10.64 -18.31 15.35
CA LEU B 23 -10.35 -17.76 14.03
C LEU B 23 -10.29 -16.22 14.10
N LEU B 24 -9.20 -15.63 13.62
CA LEU B 24 -9.12 -14.16 13.58
C LEU B 24 -10.03 -13.65 12.45
N ASP B 25 -11.12 -12.96 12.82
CA ASP B 25 -12.23 -12.77 11.90
C ASP B 25 -12.56 -11.28 11.71
N THR B 26 -11.97 -10.63 10.71
CA THR B 26 -12.22 -9.20 10.52
C THR B 26 -13.65 -8.88 10.09
N GLY B 27 -14.39 -9.91 9.67
CA GLY B 27 -15.78 -9.73 9.25
C GLY B 27 -16.74 -9.83 10.42
N ALA B 28 -16.20 -10.03 11.61
CA ALA B 28 -17.02 -10.13 12.82
C ALA B 28 -16.88 -8.87 13.67
N ASP B 29 -17.99 -8.17 13.93
CA ASP B 29 -17.95 -7.08 14.90
C ASP B 29 -17.55 -7.60 16.28
N ASP B 30 -18.08 -8.77 16.61
CA ASP B 30 -18.03 -9.32 17.96
C ASP B 30 -17.26 -10.63 18.04
N THR B 31 -16.78 -10.93 19.24
CA THR B 31 -16.12 -12.19 19.52
C THR B 31 -17.20 -13.18 19.97
N VAL B 32 -17.24 -14.34 19.31
CA VAL B 32 -18.27 -15.34 19.59
C VAL B 32 -17.61 -16.68 19.86
N LEU B 33 -17.85 -17.25 21.04
CA LEU B 33 -17.26 -18.54 21.40
C LEU B 33 -18.36 -19.59 21.55
N GLU B 34 -18.02 -20.84 21.26
CA GLU B 34 -18.91 -21.98 21.48
C GLU B 34 -19.19 -22.11 22.98
N ASP B 35 -20.27 -22.80 23.35
CA ASP B 35 -20.66 -22.93 24.76
C ASP B 35 -19.51 -23.27 25.70
N MET B 36 -19.46 -22.60 26.86
CA MET B 36 -18.21 -22.54 27.61
C MET B 36 -18.27 -22.54 29.13
N GLU B 37 -19.10 -21.65 29.68
CA GLU B 37 -19.00 -21.24 31.09
C GLU B 37 -17.89 -20.23 31.39
N LEU B 38 -18.35 -19.04 31.72
CA LEU B 38 -17.52 -17.91 32.04
C LEU B 38 -18.05 -17.36 33.36
N PRO B 39 -17.21 -16.62 34.11
CA PRO B 39 -17.67 -16.09 35.40
C PRO B 39 -18.58 -14.88 35.22
N GLY B 40 -19.30 -14.54 36.29
CA GLY B 40 -20.09 -13.31 36.29
C GLY B 40 -21.46 -13.47 35.68
N ARG B 41 -22.15 -12.35 35.55
CA ARG B 41 -23.50 -12.35 35.00
C ARG B 41 -23.46 -12.18 33.49
N TRP B 42 -24.53 -12.60 32.82
CA TRP B 42 -24.64 -12.39 31.39
C TRP B 42 -25.94 -11.69 31.06
N LYS B 43 -25.96 -11.11 29.86
CA LYS B 43 -27.09 -10.34 29.37
C LYS B 43 -27.50 -10.92 28.03
N PRO B 44 -28.79 -10.80 27.69
CA PRO B 44 -29.27 -11.40 26.46
C PRO B 44 -28.82 -10.60 25.25
N ARG B 45 -28.55 -11.28 24.14
CA ARG B 45 -28.14 -10.60 22.92
C ARG B 45 -28.55 -11.43 21.71
N MET B 46 -28.91 -10.75 20.63
CA MET B 46 -29.21 -11.41 19.37
C MET B 46 -28.24 -10.91 18.32
N ILE B 47 -27.59 -11.83 17.61
CA ILE B 47 -26.66 -11.44 16.56
C ILE B 47 -27.10 -12.06 15.25
N GLY B 48 -26.79 -11.38 14.15
CA GLY B 48 -27.18 -11.84 12.84
C GLY B 48 -25.97 -12.35 12.09
N GLY B 49 -25.97 -13.64 11.78
CA GLY B 49 -24.90 -14.26 11.01
C GLY B 49 -25.35 -14.50 9.58
N ILE B 50 -24.55 -15.22 8.82
CA ILE B 50 -24.89 -15.45 7.42
C ILE B 50 -26.25 -16.18 7.27
N GLY B 51 -26.59 -17.05 8.21
CA GLY B 51 -27.78 -17.86 8.07
C GLY B 51 -29.02 -17.34 8.77
N GLY B 52 -28.86 -16.28 9.56
CA GLY B 52 -29.98 -15.75 10.32
C GLY B 52 -29.58 -15.32 11.71
N PHE B 53 -30.57 -14.98 12.53
CA PHE B 53 -30.31 -14.44 13.87
C PHE B 53 -30.27 -15.53 14.93
N VAL B 54 -29.40 -15.35 15.92
CA VAL B 54 -29.15 -16.36 16.94
C VAL B 54 -29.07 -15.70 18.31
N LYS B 55 -29.67 -16.34 19.30
CA LYS B 55 -29.59 -15.87 20.68
C LYS B 55 -28.26 -16.28 21.30
N VAL B 56 -27.56 -15.33 21.92
CA VAL B 56 -26.30 -15.64 22.57
C VAL B 56 -26.29 -15.06 23.98
N ARG B 57 -25.34 -15.50 24.79
CA ARG B 57 -25.11 -14.91 26.10
C ARG B 57 -23.98 -13.89 26.03
N GLN B 58 -24.23 -12.67 26.49
CA GLN B 58 -23.19 -11.64 26.49
C GLN B 58 -22.51 -11.52 27.84
N TYR B 59 -21.21 -11.83 27.88
CA TYR B 59 -20.40 -11.64 29.08
C TYR B 59 -19.45 -10.46 28.86
N ASP B 60 -19.34 -9.59 29.86
CA ASP B 60 -18.49 -8.41 29.72
C ASP B 60 -17.16 -8.51 30.47
N GLN B 61 -16.16 -7.75 30.01
CA GLN B 61 -14.84 -7.71 30.64
C GLN B 61 -14.20 -9.06 30.89
N ILE B 62 -14.22 -9.92 29.89
CA ILE B 62 -13.58 -11.23 29.99
C ILE B 62 -12.13 -11.15 29.52
N PRO B 63 -11.18 -11.60 30.36
CA PRO B 63 -9.79 -11.64 29.92
C PRO B 63 -9.52 -12.83 29.01
N ILE B 64 -8.83 -12.58 27.91
CA ILE B 64 -8.41 -13.62 27.00
C ILE B 64 -6.93 -13.38 26.67
N GLU B 65 -6.14 -14.46 26.65
CA GLU B 65 -4.77 -14.39 26.20
C GLU B 65 -4.69 -14.87 24.74
N ILE B 66 -4.19 -14.00 23.86
CA ILE B 66 -4.10 -14.31 22.43
C ILE B 66 -2.71 -13.97 21.91
N CYS B 67 -1.98 -14.97 21.41
CA CYS B 67 -0.65 -14.76 20.85
C CYS B 67 0.25 -13.99 21.81
N GLY B 68 0.18 -14.34 23.09
CA GLY B 68 1.05 -13.71 24.06
C GLY B 68 0.55 -12.38 24.58
N HIS B 69 -0.60 -11.92 24.11
CA HIS B 69 -1.14 -10.64 24.57
C HIS B 69 -2.41 -10.83 25.38
N LYS B 70 -2.59 -10.01 26.41
CA LYS B 70 -3.81 -10.07 27.21
C LYS B 70 -4.80 -9.02 26.75
N VAL B 71 -5.97 -9.46 26.30
CA VAL B 71 -7.05 -8.51 25.97
C VAL B 71 -8.18 -8.73 26.97
N ILE B 72 -9.01 -7.72 27.17
CA ILE B 72 -10.12 -7.83 28.12
C ILE B 72 -11.33 -7.18 27.50
N GLY B 73 -12.37 -7.94 27.24
CA GLY B 73 -13.55 -7.35 26.61
C GLY B 73 -14.73 -8.27 26.53
N THR B 74 -15.70 -7.89 25.70
CA THR B 74 -16.98 -8.57 25.60
C THR B 74 -16.86 -9.86 24.80
N VAL B 75 -17.46 -10.92 25.34
CA VAL B 75 -17.45 -12.22 24.73
C VAL B 75 -18.89 -12.69 24.64
N LEU B 76 -19.30 -13.11 23.44
CA LEU B 76 -20.64 -13.65 23.23
C LEU B 76 -20.51 -15.16 23.18
N VAL B 77 -21.44 -15.87 23.83
CA VAL B 77 -21.38 -17.33 23.87
C VAL B 77 -22.65 -17.91 23.29
N GLY B 78 -22.51 -18.80 22.32
CA GLY B 78 -23.66 -19.38 21.65
C GLY B 78 -23.29 -20.34 20.55
N PRO B 79 -24.28 -20.86 19.83
CA PRO B 79 -24.04 -21.86 18.78
C PRO B 79 -23.32 -21.25 17.59
N THR B 80 -22.05 -21.57 17.45
CA THR B 80 -21.28 -21.08 16.31
C THR B 80 -20.48 -22.23 15.73
N PRO B 81 -20.29 -22.24 14.39
CA PRO B 81 -19.50 -23.28 13.73
C PRO B 81 -18.09 -23.31 14.28
N THR B 82 -17.59 -22.15 14.69
CA THR B 82 -16.21 -22.02 15.16
C THR B 82 -16.06 -20.81 16.08
N ASN B 83 -15.09 -20.90 17.00
CA ASN B 83 -14.78 -19.77 17.84
C ASN B 83 -14.21 -18.64 17.00
N ILE B 84 -14.78 -17.44 17.09
CA ILE B 84 -14.29 -16.33 16.29
C ILE B 84 -13.87 -15.14 17.15
N ILE B 85 -12.71 -14.58 16.84
CA ILE B 85 -12.24 -13.40 17.53
C ILE B 85 -12.58 -12.21 16.63
N GLY B 86 -13.45 -11.33 17.10
CA GLY B 86 -13.91 -10.22 16.27
C GLY B 86 -13.14 -8.93 16.47
N ARG B 87 -13.60 -7.87 15.81
CA ARG B 87 -12.86 -6.61 15.82
C ARG B 87 -12.74 -6.01 17.21
N ASN B 88 -13.72 -6.28 18.08
CA ASN B 88 -13.65 -5.74 19.43
C ASN B 88 -12.36 -6.14 20.15
N LEU B 89 -11.91 -7.37 19.93
CA LEU B 89 -10.67 -7.81 20.57
C LEU B 89 -9.46 -7.62 19.66
N MET B 90 -9.65 -7.75 18.35
CA MET B 90 -8.51 -7.56 17.43
C MET B 90 -7.97 -6.13 17.50
N THR B 91 -8.84 -5.16 17.75
CA THR B 91 -8.36 -3.78 17.94
C THR B 91 -7.45 -3.67 19.16
N GLN B 92 -7.72 -4.48 20.19
CA GLN B 92 -6.89 -4.45 21.40
C GLN B 92 -5.54 -5.08 21.11
N LEU B 93 -5.49 -5.94 20.10
CA LEU B 93 -4.23 -6.52 19.65
C LEU B 93 -3.44 -5.56 18.76
N GLY B 94 -4.11 -4.52 18.27
CA GLY B 94 -3.47 -3.60 17.34
C GLY B 94 -3.45 -4.14 15.91
N CYS B 95 -4.40 -5.03 15.60
CA CYS B 95 -4.46 -5.67 14.28
C CYS B 95 -4.91 -4.71 13.20
N THR B 96 -4.21 -4.73 12.08
CA THR B 96 -4.69 -4.03 10.89
C THR B 96 -4.61 -4.96 9.68
N LEU B 97 -5.34 -4.61 8.62
CA LEU B 97 -5.22 -5.29 7.35
C LEU B 97 -4.30 -4.43 6.49
N ASN B 98 -3.38 -5.06 5.77
CA ASN B 98 -2.39 -4.31 4.97
C ASN B 98 -2.19 -4.91 3.59
N PHE B 99 -2.01 -4.05 2.59
CA PHE B 99 -1.65 -4.51 1.24
C PHE B 99 -0.18 -4.88 1.03
N PRO C 1 1.72 0.43 -2.36
CA PRO C 1 2.67 -0.55 -2.92
C PRO C 1 4.09 -0.32 -2.44
N GLN C 2 4.96 -1.29 -2.71
CA GLN C 2 6.39 -1.13 -2.52
C GLN C 2 7.02 -1.16 -3.92
N ILE C 3 7.67 -0.06 -4.30
CA ILE C 3 8.22 0.05 -5.65
C ILE C 3 9.73 -0.08 -5.59
N THR C 4 10.27 -1.05 -6.34
CA THR C 4 11.70 -1.29 -6.41
C THR C 4 12.37 -0.18 -7.20
N LEU C 5 13.67 -0.01 -7.01
CA LEU C 5 14.41 0.96 -7.83
C LEU C 5 15.34 0.28 -8.84
N TRP C 6 15.21 -1.04 -9.03
CA TRP C 6 15.97 -1.71 -10.08
C TRP C 6 15.71 -1.08 -11.44
N GLN C 7 14.47 -0.65 -11.66
CA GLN C 7 14.07 0.08 -12.87
C GLN C 7 13.53 1.46 -12.49
N ARG C 8 13.35 2.33 -13.48
CA ARG C 8 12.75 3.64 -13.25
C ARG C 8 11.38 3.44 -12.65
N PRO C 9 11.07 4.17 -11.56
CA PRO C 9 9.76 4.02 -10.91
C PRO C 9 8.71 4.85 -11.62
N ILE C 10 8.20 4.28 -12.71
CA ILE C 10 7.28 4.96 -13.60
C ILE C 10 5.86 4.49 -13.32
N VAL C 11 4.93 5.45 -13.21
CA VAL C 11 3.53 5.13 -12.95
C VAL C 11 2.64 5.85 -13.95
N THR C 12 1.39 5.40 -14.06
CA THR C 12 0.43 6.06 -14.94
C THR C 12 -0.33 7.14 -14.18
N ILE C 13 -0.45 8.31 -14.79
CA ILE C 13 -1.21 9.38 -14.16
C ILE C 13 -2.29 9.88 -15.09
N LYS C 14 -3.29 10.53 -14.52
CA LYS C 14 -4.29 11.23 -15.32
C LYS C 14 -4.33 12.70 -14.89
N VAL C 15 -4.14 13.59 -15.85
CA VAL C 15 -4.06 15.02 -15.57
C VAL C 15 -4.58 15.79 -16.78
N GLY C 16 -5.43 16.80 -16.53
CA GLY C 16 -5.99 17.57 -17.62
C GLY C 16 -6.74 16.73 -18.63
N GLY C 17 -7.29 15.62 -18.18
CA GLY C 17 -8.06 14.74 -19.05
C GLY C 17 -7.20 13.81 -19.87
N GLN C 18 -5.89 13.79 -19.61
CA GLN C 18 -4.96 13.02 -20.44
C GLN C 18 -4.25 11.93 -19.62
N LEU C 19 -4.07 10.75 -20.23
CA LEU C 19 -3.34 9.66 -19.60
C LEU C 19 -1.88 9.67 -20.02
N LYS C 20 -0.97 9.59 -19.06
CA LYS C 20 0.46 9.71 -19.32
C LYS C 20 1.25 8.85 -18.34
N GLU C 21 2.50 8.59 -18.69
CA GLU C 21 3.42 7.91 -17.79
C GLU C 21 4.30 8.99 -17.17
N ALA C 22 4.66 8.82 -15.90
CA ALA C 22 5.49 9.82 -15.22
C ALA C 22 6.39 9.13 -14.22
N LEU C 23 7.51 9.79 -13.90
CA LEU C 23 8.56 9.24 -13.06
C LEU C 23 8.38 9.72 -11.62
N LEU C 24 8.32 8.80 -10.67
CA LEU C 24 8.24 9.19 -9.25
C LEU C 24 9.63 9.65 -8.83
N ASP C 25 9.77 10.94 -8.53
CA ASP C 25 11.10 11.52 -8.44
C ASP C 25 11.31 12.27 -7.11
N THR C 26 12.01 11.63 -6.18
CA THR C 26 12.31 12.28 -4.90
C THR C 26 13.31 13.41 -5.03
N GLY C 27 13.95 13.51 -6.19
CA GLY C 27 14.91 14.58 -6.44
C GLY C 27 14.29 15.86 -6.96
N ALA C 28 12.98 15.81 -7.22
CA ALA C 28 12.24 16.94 -7.75
C ALA C 28 11.37 17.60 -6.69
N ASP C 29 11.56 18.91 -6.45
CA ASP C 29 10.73 19.60 -5.46
C ASP C 29 9.26 19.59 -5.91
N ASP C 30 9.05 19.92 -7.17
CA ASP C 30 7.72 20.02 -7.74
C ASP C 30 7.56 19.12 -8.96
N THR C 31 6.31 18.86 -9.32
CA THR C 31 5.96 18.05 -10.48
C THR C 31 6.20 18.87 -11.76
N VAL C 32 6.76 18.23 -12.78
CA VAL C 32 7.05 18.92 -14.03
C VAL C 32 6.55 18.05 -15.17
N LEU C 33 5.61 18.57 -15.97
CA LEU C 33 5.07 17.78 -17.06
C LEU C 33 5.47 18.35 -18.42
N GLU C 34 5.65 17.46 -19.39
CA GLU C 34 5.90 17.87 -20.77
C GLU C 34 4.77 18.77 -21.24
N ASP C 35 5.07 19.65 -22.20
CA ASP C 35 4.08 20.59 -22.74
C ASP C 35 2.72 19.96 -22.97
N MET C 36 1.70 20.55 -22.34
CA MET C 36 0.32 20.13 -22.52
C MET C 36 -0.58 21.30 -22.13
N GLU C 37 -1.86 21.22 -22.49
CA GLU C 37 -2.83 22.25 -22.14
C GLU C 37 -3.34 22.03 -20.73
N LEU C 38 -3.33 23.09 -19.92
CA LEU C 38 -3.99 23.07 -18.61
C LEU C 38 -4.82 24.34 -18.46
N PRO C 39 -5.93 24.26 -17.70
CA PRO C 39 -6.83 25.40 -17.52
C PRO C 39 -6.28 26.39 -16.50
N GLY C 40 -6.69 27.66 -16.59
CA GLY C 40 -6.41 28.61 -15.54
C GLY C 40 -5.20 29.51 -15.77
N ARG C 41 -4.97 30.40 -14.81
CA ARG C 41 -3.84 31.31 -14.85
C ARG C 41 -2.55 30.59 -14.47
N TRP C 42 -1.43 31.10 -14.98
CA TRP C 42 -0.14 30.51 -14.66
C TRP C 42 0.90 31.59 -14.49
N LYS C 43 2.05 31.22 -13.93
CA LYS C 43 3.12 32.16 -13.68
C LYS C 43 4.40 31.60 -14.27
N PRO C 44 5.19 32.43 -14.98
CA PRO C 44 6.41 31.93 -15.61
C PRO C 44 7.53 31.72 -14.60
N ARG C 45 8.30 30.64 -14.76
CA ARG C 45 9.43 30.37 -13.89
C ARG C 45 10.58 29.77 -14.69
N MET C 46 11.75 29.77 -14.09
CA MET C 46 12.92 29.11 -14.66
C MET C 46 13.39 28.09 -13.64
N ILE C 47 13.42 26.81 -14.04
CA ILE C 47 13.90 25.78 -13.12
C ILE C 47 15.18 25.14 -13.65
N GLY C 48 16.12 24.86 -12.73
CA GLY C 48 17.43 24.44 -13.14
C GLY C 48 17.75 23.01 -12.81
N GLY C 49 18.48 22.35 -13.70
CA GLY C 49 18.85 20.97 -13.50
C GLY C 49 20.14 20.69 -14.22
N ILE C 50 20.41 19.42 -14.44
CA ILE C 50 21.68 19.06 -15.04
C ILE C 50 21.96 19.72 -16.38
N GLY C 51 21.00 19.83 -17.28
CA GLY C 51 21.36 20.49 -18.54
C GLY C 51 21.34 22.02 -18.51
N GLY C 52 21.10 22.60 -17.34
CA GLY C 52 20.83 24.02 -17.27
C GLY C 52 19.37 24.28 -17.00
N PHE C 53 18.87 25.44 -17.44
CA PHE C 53 17.52 25.87 -17.06
C PHE C 53 16.48 25.67 -18.16
N VAL C 54 15.25 25.37 -17.74
CA VAL C 54 14.12 25.31 -18.67
C VAL C 54 13.04 26.28 -18.22
N LYS C 55 12.41 26.95 -19.17
CA LYS C 55 11.33 27.86 -18.86
C LYS C 55 10.03 27.08 -18.72
N VAL C 56 9.33 27.28 -17.62
CA VAL C 56 8.08 26.56 -17.37
C VAL C 56 6.95 27.51 -16.96
N ARG C 57 5.72 27.01 -17.10
CA ARG C 57 4.56 27.71 -16.59
C ARG C 57 4.10 27.01 -15.31
N GLN C 58 3.92 27.77 -14.23
CA GLN C 58 3.43 27.19 -12.99
C GLN C 58 1.92 27.29 -12.86
N TYR C 59 1.26 26.13 -12.73
CA TYR C 59 -0.17 26.08 -12.47
C TYR C 59 -0.38 25.56 -11.05
N ASP C 60 -1.28 26.20 -10.32
CA ASP C 60 -1.53 25.79 -8.94
C ASP C 60 -2.83 25.02 -8.82
N GLN C 61 -2.91 24.17 -7.79
CA GLN C 61 -4.11 23.41 -7.48
C GLN C 61 -4.63 22.56 -8.65
N ILE C 62 -3.72 21.87 -9.32
CA ILE C 62 -4.09 20.97 -10.41
C ILE C 62 -4.32 19.56 -9.89
N PRO C 63 -5.48 18.98 -10.18
CA PRO C 63 -5.82 17.61 -9.77
C PRO C 63 -5.07 16.61 -10.61
N ILE C 64 -4.40 15.65 -9.98
CA ILE C 64 -3.77 14.57 -10.71
C ILE C 64 -4.12 13.25 -10.02
N GLU C 65 -4.51 12.25 -10.80
CA GLU C 65 -4.73 10.92 -10.26
C GLU C 65 -3.50 10.07 -10.50
N ILE C 66 -2.92 9.57 -9.42
CA ILE C 66 -1.72 8.75 -9.48
C ILE C 66 -2.02 7.43 -8.77
N CYS C 67 -1.91 6.33 -9.51
CA CYS C 67 -2.19 5.01 -8.96
C CYS C 67 -3.52 4.92 -8.23
N GLY C 68 -4.56 5.50 -8.83
CA GLY C 68 -5.90 5.44 -8.27
C GLY C 68 -6.14 6.39 -7.12
N HIS C 69 -5.14 7.22 -6.80
CA HIS C 69 -5.30 8.21 -5.75
C HIS C 69 -5.38 9.62 -6.32
N LYS C 70 -6.40 10.37 -5.89
CA LYS C 70 -6.59 11.72 -6.36
C LYS C 70 -5.85 12.70 -5.44
N VAL C 71 -4.84 13.36 -5.98
CA VAL C 71 -4.09 14.35 -5.22
C VAL C 71 -4.13 15.68 -5.93
N ILE C 72 -3.71 16.74 -5.24
CA ILE C 72 -3.74 18.05 -5.86
C ILE C 72 -2.51 18.86 -5.47
N GLY C 73 -2.02 19.69 -6.39
CA GLY C 73 -0.86 20.49 -6.08
C GLY C 73 -0.33 21.26 -7.29
N THR C 74 0.82 21.87 -7.09
CA THR C 74 1.47 22.69 -8.11
C THR C 74 2.02 21.81 -9.24
N VAL C 75 1.81 22.24 -10.48
CA VAL C 75 2.35 21.54 -11.63
C VAL C 75 3.08 22.55 -12.48
N LEU C 76 4.34 22.25 -12.82
CA LEU C 76 5.10 23.09 -13.75
C LEU C 76 5.06 22.43 -15.13
N VAL C 77 4.74 23.21 -16.16
CA VAL C 77 4.62 22.68 -17.52
C VAL C 77 5.64 23.35 -18.44
N GLY C 78 6.37 22.55 -19.19
CA GLY C 78 7.41 23.07 -20.07
C GLY C 78 8.12 21.95 -20.80
N PRO C 79 9.16 22.30 -21.55
CA PRO C 79 9.86 21.32 -22.40
C PRO C 79 10.80 20.40 -21.64
N THR C 80 10.32 19.75 -20.58
CA THR C 80 11.09 18.67 -19.93
C THR C 80 11.11 17.45 -20.85
N PRO C 81 12.22 16.68 -20.83
CA PRO C 81 12.35 15.47 -21.63
C PRO C 81 11.43 14.35 -21.14
N THR C 82 11.02 14.39 -19.87
CA THR C 82 10.16 13.35 -19.31
C THR C 82 9.18 13.95 -18.28
N ASN C 83 8.03 13.31 -18.11
CA ASN C 83 7.11 13.72 -17.05
C ASN C 83 7.64 13.29 -15.68
N ILE C 84 7.62 14.21 -14.72
CA ILE C 84 8.22 14.00 -13.41
C ILE C 84 7.20 14.29 -12.31
N ILE C 85 6.97 13.33 -11.43
CA ILE C 85 6.13 13.57 -10.26
C ILE C 85 7.04 13.94 -9.09
N GLY C 86 6.90 15.16 -8.58
CA GLY C 86 7.80 15.64 -7.53
C GLY C 86 7.31 15.40 -6.11
N ARG C 87 8.11 15.84 -5.14
CA ARG C 87 7.78 15.62 -3.73
C ARG C 87 6.44 16.25 -3.36
N ASN C 88 6.11 17.38 -3.99
CA ASN C 88 4.89 18.11 -3.62
C ASN C 88 3.65 17.27 -3.78
N LEU C 89 3.69 16.33 -4.74
CA LEU C 89 2.58 15.40 -4.91
C LEU C 89 2.79 14.06 -4.22
N MET C 90 4.04 13.58 -4.17
CA MET C 90 4.32 12.30 -3.53
C MET C 90 3.95 12.31 -2.04
N THR C 91 4.11 13.45 -1.38
CA THR C 91 3.71 13.54 0.04
C THR C 91 2.22 13.28 0.21
N GLN C 92 1.44 13.73 -0.77
CA GLN C 92 -0.02 13.59 -0.72
C GLN C 92 -0.44 12.13 -0.86
N LEU C 93 0.46 11.30 -1.41
CA LEU C 93 0.25 9.86 -1.56
C LEU C 93 0.64 9.13 -0.29
N GLY C 94 1.34 9.81 0.60
CA GLY C 94 1.89 9.18 1.78
C GLY C 94 3.12 8.37 1.42
N CYS C 95 3.79 8.80 0.35
CA CYS C 95 4.94 8.08 -0.17
C CYS C 95 6.22 8.39 0.61
N THR C 96 6.94 7.34 1.00
CA THR C 96 8.21 7.54 1.70
C THR C 96 9.33 6.75 1.01
N LEU C 97 10.57 7.07 1.34
CA LEU C 97 11.73 6.30 0.93
C LEU C 97 12.09 5.41 2.11
N ASN C 98 12.28 4.12 1.85
CA ASN C 98 12.61 3.19 2.92
C ASN C 98 13.80 2.31 2.62
N PHE C 99 14.70 2.14 3.58
CA PHE C 99 15.80 1.20 3.42
C PHE C 99 16.23 0.64 4.76
N PRO D 1 15.91 3.08 7.83
CA PRO D 1 14.95 4.09 8.28
C PRO D 1 13.90 4.41 7.23
N GLN D 2 13.01 5.33 7.58
CA GLN D 2 11.97 5.78 6.68
C GLN D 2 12.15 7.27 6.51
N ILE D 3 12.16 7.74 5.26
CA ILE D 3 12.38 9.16 4.99
C ILE D 3 11.13 9.70 4.32
N THR D 4 10.48 10.69 4.95
CA THR D 4 9.32 11.33 4.36
C THR D 4 9.81 12.37 3.37
N LEU D 5 8.90 12.94 2.58
CA LEU D 5 9.30 13.80 1.48
C LEU D 5 8.78 15.22 1.61
N TRP D 6 8.41 15.63 2.82
CA TRP D 6 8.01 17.00 3.07
C TRP D 6 9.19 17.96 2.87
N GLN D 7 10.40 17.46 3.10
CA GLN D 7 11.61 18.21 2.80
C GLN D 7 12.48 17.37 1.86
N ARG D 8 13.49 17.99 1.27
CA ARG D 8 14.43 17.28 0.42
C ARG D 8 15.14 16.19 1.20
N PRO D 9 15.23 14.98 0.62
CA PRO D 9 15.92 13.87 1.30
C PRO D 9 17.43 13.97 1.10
N ILE D 10 18.05 14.84 1.87
CA ILE D 10 19.50 15.06 1.79
C ILE D 10 20.22 14.23 2.85
N VAL D 11 21.37 13.65 2.48
CA VAL D 11 22.21 12.88 3.41
C VAL D 11 23.67 13.24 3.23
N THR D 12 24.49 12.97 4.24
CA THR D 12 25.91 13.25 4.10
C THR D 12 26.55 11.97 3.59
N ILE D 13 27.35 12.09 2.53
CA ILE D 13 28.06 10.94 2.02
C ILE D 13 29.55 11.12 2.24
N LYS D 14 30.28 10.01 2.26
CA LYS D 14 31.72 10.06 2.36
C LYS D 14 32.28 9.45 1.08
N VAL D 15 32.97 10.26 0.29
CA VAL D 15 33.47 9.80 -1.00
C VAL D 15 34.82 10.44 -1.31
N GLY D 16 35.77 9.62 -1.74
CA GLY D 16 37.08 10.13 -2.12
C GLY D 16 37.74 10.90 -1.00
N GLY D 17 37.48 10.47 0.23
CA GLY D 17 38.08 11.08 1.40
C GLY D 17 37.40 12.36 1.87
N GLN D 18 36.32 12.73 1.20
CA GLN D 18 35.65 14.00 1.48
C GLN D 18 34.21 13.77 1.95
N LEU D 19 33.70 14.68 2.76
CA LEU D 19 32.30 14.63 3.17
C LEU D 19 31.48 15.57 2.29
N LYS D 20 30.38 15.07 1.75
CA LYS D 20 29.53 15.88 0.88
C LYS D 20 28.06 15.70 1.21
N GLU D 21 27.26 16.72 0.93
CA GLU D 21 25.82 16.64 1.04
C GLU D 21 25.32 16.18 -0.30
N ALA D 22 24.36 15.26 -0.30
CA ALA D 22 23.82 14.74 -1.55
C ALA D 22 22.34 14.43 -1.41
N LEU D 23 21.68 14.43 -2.56
CA LEU D 23 20.24 14.27 -2.60
C LEU D 23 19.86 12.86 -3.06
N LEU D 24 19.03 12.16 -2.27
CA LEU D 24 18.54 10.84 -2.68
C LEU D 24 17.52 11.04 -3.81
N ASP D 25 17.86 10.59 -5.02
CA ASP D 25 17.16 11.03 -6.20
C ASP D 25 16.61 9.86 -7.04
N THR D 26 15.38 9.44 -6.77
CA THR D 26 14.82 8.29 -7.48
C THR D 26 14.58 8.57 -8.97
N GLY D 27 14.63 9.83 -9.37
CA GLY D 27 14.47 10.21 -10.77
C GLY D 27 15.77 10.17 -11.55
N ALA D 28 16.86 9.84 -10.87
CA ALA D 28 18.16 9.75 -11.51
C ALA D 28 18.57 8.29 -11.71
N ASP D 29 18.85 7.89 -12.95
CA ASP D 29 19.41 6.55 -13.19
C ASP D 29 20.78 6.46 -12.53
N ASP D 30 21.51 7.57 -12.56
CA ASP D 30 22.93 7.59 -12.22
C ASP D 30 23.24 8.54 -11.07
N THR D 31 24.36 8.29 -10.42
CA THR D 31 24.86 9.15 -9.36
C THR D 31 25.77 10.18 -10.02
N VAL D 32 25.49 11.45 -9.74
CA VAL D 32 26.24 12.54 -10.35
C VAL D 32 26.72 13.47 -9.25
N LEU D 33 28.05 13.68 -9.19
CA LEU D 33 28.66 14.54 -8.18
C LEU D 33 29.29 15.77 -8.82
N GLU D 34 29.34 16.87 -8.08
CA GLU D 34 30.02 18.11 -8.52
C GLU D 34 31.50 17.80 -8.66
N ASP D 35 32.24 18.61 -9.40
CA ASP D 35 33.66 18.34 -9.63
C ASP D 35 34.45 18.07 -8.34
N MET D 36 35.25 17.01 -8.38
CA MET D 36 36.08 16.61 -7.25
C MET D 36 37.11 15.63 -7.79
N GLU D 37 38.10 15.28 -6.97
CA GLU D 37 39.11 14.33 -7.39
C GLU D 37 38.73 12.91 -6.97
N LEU D 38 38.80 11.99 -7.92
CA LEU D 38 38.54 10.58 -7.66
C LEU D 38 39.68 9.75 -8.27
N PRO D 39 40.01 8.61 -7.64
CA PRO D 39 41.14 7.81 -8.11
C PRO D 39 40.81 7.02 -9.38
N GLY D 40 41.83 6.56 -10.08
CA GLY D 40 41.66 5.70 -11.23
C GLY D 40 41.40 6.43 -12.53
N ARG D 41 41.14 5.66 -13.58
CA ARG D 41 40.88 6.24 -14.88
C ARG D 41 39.39 6.55 -15.04
N TRP D 42 39.07 7.49 -15.93
CA TRP D 42 37.69 7.80 -16.23
C TRP D 42 37.42 7.63 -17.72
N LYS D 43 36.14 7.49 -18.06
CA LYS D 43 35.74 7.37 -19.44
C LYS D 43 34.65 8.39 -19.76
N PRO D 44 34.53 8.78 -21.04
CA PRO D 44 33.65 9.89 -21.37
C PRO D 44 32.20 9.42 -21.37
N ARG D 45 31.29 10.31 -20.99
CA ARG D 45 29.88 9.97 -20.94
C ARG D 45 29.04 11.23 -21.14
N MET D 46 27.92 11.09 -21.83
CA MET D 46 26.97 12.18 -21.99
C MET D 46 25.68 11.80 -21.29
N ILE D 47 25.18 12.68 -20.43
CA ILE D 47 23.90 12.41 -19.78
C ILE D 47 22.94 13.53 -20.10
N GLY D 48 21.66 13.20 -20.12
CA GLY D 48 20.63 14.16 -20.42
C GLY D 48 19.80 14.50 -19.20
N GLY D 49 19.89 15.75 -18.76
CA GLY D 49 19.09 16.22 -17.65
C GLY D 49 17.93 17.05 -18.16
N ILE D 50 17.26 17.75 -17.26
CA ILE D 50 16.10 18.52 -17.64
C ILE D 50 16.43 19.59 -18.70
N GLY D 51 17.63 20.18 -18.61
CA GLY D 51 17.97 21.30 -19.46
C GLY D 51 18.74 20.94 -20.72
N GLY D 52 19.10 19.67 -20.87
CA GLY D 52 19.88 19.25 -22.02
C GLY D 52 21.00 18.30 -21.66
N PHE D 53 21.86 18.01 -22.64
CA PHE D 53 22.93 17.03 -22.45
C PHE D 53 24.23 17.66 -21.99
N VAL D 54 24.93 16.97 -21.10
CA VAL D 54 26.14 17.48 -20.46
C VAL D 54 27.23 16.40 -20.48
N LYS D 55 28.47 16.78 -20.78
CA LYS D 55 29.60 15.86 -20.72
C LYS D 55 30.05 15.67 -19.29
N VAL D 56 30.20 14.41 -18.88
CA VAL D 56 30.67 14.10 -17.54
C VAL D 56 31.81 13.09 -17.62
N ARG D 57 32.53 12.92 -16.52
CA ARG D 57 33.54 11.88 -16.38
C ARG D 57 32.95 10.72 -15.61
N GLN D 58 33.08 9.52 -16.17
CA GLN D 58 32.58 8.31 -15.53
C GLN D 58 33.71 7.55 -14.83
N TYR D 59 33.59 7.44 -13.51
CA TYR D 59 34.53 6.64 -12.72
C TYR D 59 33.78 5.40 -12.26
N ASP D 60 34.44 4.25 -12.31
CA ASP D 60 33.77 3.02 -11.90
C ASP D 60 34.28 2.47 -10.57
N GLN D 61 33.44 1.67 -9.92
CA GLN D 61 33.79 1.00 -8.67
C GLN D 61 34.29 1.94 -7.59
N ILE D 62 33.59 3.05 -7.42
CA ILE D 62 33.92 4.04 -6.38
C ILE D 62 33.18 3.69 -5.10
N PRO D 63 33.91 3.55 -3.98
CA PRO D 63 33.27 3.31 -2.68
C PRO D 63 32.70 4.59 -2.10
N ILE D 64 31.45 4.53 -1.65
CA ILE D 64 30.81 5.67 -1.00
C ILE D 64 30.15 5.17 0.27
N GLU D 65 30.32 5.89 1.38
CA GLU D 65 29.60 5.60 2.61
C GLU D 65 28.37 6.50 2.70
N ILE D 66 27.19 5.89 2.83
CA ILE D 66 25.94 6.63 2.90
C ILE D 66 25.10 6.09 4.04
N CYS D 67 24.78 6.94 5.02
CA CYS D 67 23.93 6.54 6.13
C CYS D 67 24.44 5.27 6.81
N GLY D 68 25.75 5.15 6.93
CA GLY D 68 26.34 4.01 7.61
C GLY D 68 26.47 2.75 6.77
N HIS D 69 26.20 2.85 5.48
CA HIS D 69 26.37 1.70 4.59
C HIS D 69 27.42 1.97 3.52
N LYS D 70 28.23 0.96 3.21
CA LYS D 70 29.21 1.10 2.14
C LYS D 70 28.62 0.58 0.84
N VAL D 71 28.52 1.47 -0.15
CA VAL D 71 28.14 1.08 -1.50
C VAL D 71 29.37 1.26 -2.40
N ILE D 72 29.44 0.51 -3.50
CA ILE D 72 30.58 0.62 -4.40
C ILE D 72 30.03 0.59 -5.81
N GLY D 73 30.26 1.65 -6.57
CA GLY D 73 29.70 1.69 -7.90
C GLY D 73 30.11 2.88 -8.74
N THR D 74 29.36 3.10 -9.81
CA THR D 74 29.71 4.10 -10.81
C THR D 74 29.31 5.49 -10.34
N VAL D 75 30.23 6.43 -10.50
CA VAL D 75 30.02 7.82 -10.12
C VAL D 75 30.35 8.66 -11.35
N LEU D 76 29.43 9.55 -11.73
CA LEU D 76 29.67 10.50 -12.81
C LEU D 76 30.01 11.84 -12.18
N VAL D 77 30.98 12.54 -12.75
CA VAL D 77 31.42 13.81 -12.20
C VAL D 77 31.29 14.89 -13.25
N GLY D 78 30.60 15.99 -12.91
CA GLY D 78 30.40 17.05 -13.87
C GLY D 78 29.54 18.15 -13.30
N PRO D 79 29.16 19.12 -14.14
CA PRO D 79 28.42 20.29 -13.66
C PRO D 79 26.97 19.92 -13.33
N THR D 80 26.66 19.93 -12.04
CA THR D 80 25.32 19.63 -11.57
C THR D 80 24.98 20.63 -10.47
N PRO D 81 23.72 21.07 -10.41
CA PRO D 81 23.35 22.02 -9.36
C PRO D 81 23.52 21.43 -7.97
N THR D 82 23.44 20.10 -7.86
CA THR D 82 23.52 19.42 -6.57
C THR D 82 24.06 17.99 -6.74
N ASN D 83 24.74 17.47 -5.72
CA ASN D 83 25.20 16.09 -5.75
C ASN D 83 23.97 15.20 -5.67
N ILE D 84 23.82 14.26 -6.60
CA ILE D 84 22.66 13.38 -6.57
C ILE D 84 23.05 11.90 -6.48
N ILE D 85 22.40 11.18 -5.56
CA ILE D 85 22.62 9.74 -5.45
C ILE D 85 21.53 9.08 -6.28
N GLY D 86 21.90 8.40 -7.36
CA GLY D 86 20.91 7.80 -8.25
C GLY D 86 20.56 6.35 -7.94
N ARG D 87 19.68 5.76 -8.75
CA ARG D 87 19.17 4.41 -8.49
C ARG D 87 20.29 3.37 -8.45
N ASN D 88 21.38 3.61 -9.17
CA ASN D 88 22.47 2.63 -9.20
C ASN D 88 23.03 2.36 -7.81
N LEU D 89 23.05 3.40 -6.96
CA LEU D 89 23.54 3.25 -5.60
C LEU D 89 22.39 3.04 -4.61
N MET D 90 21.23 3.64 -4.87
CA MET D 90 20.10 3.44 -3.95
C MET D 90 19.66 1.97 -3.91
N THR D 91 19.83 1.25 -5.02
CA THR D 91 19.51 -0.17 -5.01
C THR D 91 20.47 -0.94 -4.09
N GLN D 92 21.73 -0.49 -3.98
CA GLN D 92 22.68 -1.13 -3.08
C GLN D 92 22.33 -0.88 -1.62
N LEU D 93 21.58 0.19 -1.37
CA LEU D 93 21.09 0.49 -0.03
C LEU D 93 19.83 -0.29 0.29
N GLY D 94 19.20 -0.87 -0.73
CA GLY D 94 17.95 -1.56 -0.55
C GLY D 94 16.79 -0.59 -0.42
N CYS D 95 16.89 0.56 -1.08
CA CYS D 95 15.87 1.61 -1.02
C CYS D 95 14.67 1.26 -1.88
N THR D 96 13.47 1.43 -1.34
CA THR D 96 12.25 1.32 -2.12
C THR D 96 11.36 2.52 -1.87
N LEU D 97 10.44 2.78 -2.79
CA LEU D 97 9.40 3.76 -2.55
C LEU D 97 8.16 3.03 -2.07
N ASN D 98 7.51 3.57 -1.04
CA ASN D 98 6.35 2.92 -0.43
C ASN D 98 5.22 3.89 -0.18
N PHE D 99 4.01 3.51 -0.60
CA PHE D 99 2.81 4.24 -0.18
C PHE D 99 1.61 3.31 -0.09
#